data_7LIO
#
_entry.id   7LIO
#
_cell.length_a   103.592
_cell.length_b   103.592
_cell.length_c   130.149
_cell.angle_alpha   90.000
_cell.angle_beta   90.000
_cell.angle_gamma   90.000
#
_symmetry.space_group_name_H-M   'P 41 21 2'
#
loop_
_entity.id
_entity.type
_entity.pdbx_description
1 polymer 'Speckle-type POZ protein'
2 polymer 'TP53-binding protein 1 peptide'
#
loop_
_entity_poly.entity_id
_entity_poly.type
_entity_poly.pdbx_seq_one_letter_code
_entity_poly.pdbx_strand_id
1 'polypeptide(L)'
;GPGHMVVKFSYMWTINNFSFCREEMGEVIKSSTFSSGANDKLKWCLRVNPKGLDEESKDYLSLYLLLVSCPKSEVRAKFK
FSILNAKGEETKAMEDQRAYRFVQGKDWGFKKFIRRDFLLDEANGLLPDDKLTLFCEVSVVQD
;
A,B
2 'polypeptide(L)' PATPTASSSSSTTPT C,D
#
# COMPACT_ATOMS: atom_id res chain seq x y z
N VAL A 6 14.53 -2.28 -5.26
CA VAL A 6 13.47 -1.40 -4.80
C VAL A 6 12.16 -2.18 -4.60
N VAL A 7 11.80 -2.41 -3.33
CA VAL A 7 10.62 -3.17 -2.95
C VAL A 7 9.68 -2.24 -2.19
N LYS A 8 8.39 -2.30 -2.52
CA LYS A 8 7.37 -1.49 -1.87
C LYS A 8 6.31 -2.39 -1.23
N PHE A 9 5.93 -2.06 0.00
CA PHE A 9 4.95 -2.83 0.74
C PHE A 9 4.21 -1.90 1.68
N SER A 10 3.15 -2.42 2.28
CA SER A 10 2.32 -1.62 3.17
C SER A 10 1.96 -2.44 4.40
N TYR A 11 1.44 -1.76 5.41
CA TYR A 11 0.96 -2.41 6.62
C TYR A 11 -0.11 -1.54 7.24
N MET A 12 -1.24 -2.17 7.58
CA MET A 12 -2.35 -1.50 8.25
C MET A 12 -2.37 -1.90 9.72
N TRP A 13 -2.36 -0.91 10.59
CA TRP A 13 -2.36 -1.14 12.04
C TRP A 13 -3.67 -0.61 12.62
N THR A 14 -4.54 -1.52 13.05
CA THR A 14 -5.77 -1.18 13.73
C THR A 14 -5.53 -1.27 15.23
N ILE A 15 -5.64 -0.15 15.93
CA ILE A 15 -5.50 -0.10 17.38
C ILE A 15 -6.90 -0.12 17.97
N ASN A 16 -7.21 -1.17 18.72
CA ASN A 16 -8.54 -1.28 19.32
C ASN A 16 -8.57 -0.56 20.65
N ASN A 17 -9.77 -0.12 21.03
CA ASN A 17 -9.99 0.58 22.30
C ASN A 17 -8.99 1.72 22.47
N PHE A 18 -9.00 2.63 21.50
CA PHE A 18 -8.05 3.73 21.55
C PHE A 18 -8.28 4.61 22.77
N SER A 19 -9.52 5.08 22.95
CA SER A 19 -9.82 5.89 24.13
C SER A 19 -10.09 5.02 25.35
N PHE A 20 -10.68 3.85 25.16
CA PHE A 20 -11.08 3.00 26.28
C PHE A 20 -9.90 2.51 27.08
N CYS A 21 -8.84 2.19 26.38
CA CYS A 21 -7.68 1.61 27.07
C CYS A 21 -6.52 2.58 26.93
N ARG A 22 -6.78 3.87 26.94
CA ARG A 22 -5.70 4.87 26.78
C ARG A 22 -4.70 4.72 27.90
N GLU A 23 -5.13 4.51 29.13
CA GLU A 23 -4.11 4.47 30.19
C GLU A 23 -3.38 3.14 30.13
N GLU A 24 -4.00 2.06 29.70
CA GLU A 24 -3.19 0.82 29.63
C GLU A 24 -2.12 0.99 28.56
N MET A 25 -2.41 1.69 27.46
CA MET A 25 -1.32 1.97 26.50
C MET A 25 -0.33 2.84 27.28
N GLY A 26 0.98 2.58 27.24
CA GLY A 26 1.86 3.35 28.14
C GLY A 26 2.39 4.63 27.55
N GLU A 27 3.66 4.95 27.82
CA GLU A 27 4.21 6.18 27.23
C GLU A 27 4.32 5.95 25.72
N VAL A 28 4.48 4.68 25.32
CA VAL A 28 4.66 4.27 23.91
C VAL A 28 4.17 2.84 23.79
N ILE A 29 3.58 2.49 22.66
CA ILE A 29 3.19 1.09 22.34
C ILE A 29 3.64 0.72 20.94
N LYS A 30 4.17 -0.49 20.77
CA LYS A 30 4.66 -1.04 19.51
C LYS A 30 3.60 -1.92 18.86
N SER A 31 3.72 -2.07 17.54
CA SER A 31 2.82 -2.91 16.75
C SER A 31 3.46 -4.25 16.44
N SER A 32 2.69 -5.12 15.80
CA SER A 32 3.24 -6.38 15.34
C SER A 32 4.25 -6.14 14.21
N THR A 33 5.14 -7.12 14.03
CA THR A 33 6.19 -7.02 13.03
C THR A 33 5.66 -7.43 11.67
N PHE A 34 5.91 -6.61 10.66
CA PHE A 34 5.56 -6.92 9.29
C PHE A 34 6.81 -6.95 8.41
N SER A 35 6.81 -7.85 7.44
CA SER A 35 7.99 -8.13 6.64
C SER A 35 8.05 -7.23 5.40
N SER A 36 8.98 -7.55 4.49
CA SER A 36 9.21 -6.84 3.23
C SER A 36 8.10 -7.08 2.23
N GLY A 37 7.09 -7.90 2.52
CA GLY A 37 6.22 -8.48 1.52
C GLY A 37 6.77 -9.70 0.82
N ALA A 38 7.94 -10.20 1.25
CA ALA A 38 8.50 -11.44 0.76
C ALA A 38 8.81 -12.31 1.98
N ASN A 39 8.95 -11.71 3.16
CA ASN A 39 9.24 -12.43 4.40
C ASN A 39 10.61 -13.09 4.44
N ASP A 40 11.58 -12.46 3.78
CA ASP A 40 12.88 -13.09 3.63
C ASP A 40 14.00 -12.50 4.49
N LYS A 41 14.15 -11.18 4.46
CA LYS A 41 15.34 -10.57 5.04
C LYS A 41 15.25 -9.52 6.14
N LEU A 42 14.17 -8.75 6.15
CA LEU A 42 14.08 -7.54 6.97
C LEU A 42 12.69 -7.53 7.60
N LYS A 43 12.63 -6.98 8.82
CA LYS A 43 11.39 -6.89 9.58
C LYS A 43 11.24 -5.49 10.16
N TRP A 44 10.07 -4.88 9.97
CA TRP A 44 9.76 -3.57 10.54
C TRP A 44 8.60 -3.68 11.52
N CYS A 45 8.35 -2.58 12.23
CA CYS A 45 7.15 -2.44 13.04
C CYS A 45 6.88 -0.95 13.26
N LEU A 46 5.68 -0.64 13.72
CA LEU A 46 5.28 0.73 13.98
C LEU A 46 5.33 1.02 15.47
N ARG A 47 5.79 2.23 15.81
CA ARG A 47 5.86 2.70 17.18
C ARG A 47 5.12 4.02 17.27
N VAL A 48 4.09 4.07 18.12
CA VAL A 48 3.24 5.24 18.26
C VAL A 48 3.33 5.77 19.69
N ASN A 49 3.35 7.09 19.83
CA ASN A 49 3.34 7.74 21.14
C ASN A 49 2.03 8.50 21.30
N PRO A 50 1.08 8.01 22.12
CA PRO A 50 -0.16 8.77 22.30
C PRO A 50 0.07 10.18 22.83
N LYS A 51 0.98 10.35 23.79
CA LYS A 51 1.18 11.65 24.42
C LYS A 51 2.27 12.48 23.74
N GLY A 52 3.24 11.84 23.09
CA GLY A 52 4.32 12.56 22.45
C GLY A 52 5.56 12.77 23.29
N LEU A 53 5.48 12.54 24.60
CA LEU A 53 6.57 12.68 25.56
C LEU A 53 7.44 13.91 25.32
N ASP A 54 6.81 15.02 24.94
CA ASP A 54 7.52 16.27 24.67
C ASP A 54 6.59 17.42 24.96
N GLU A 55 7.18 18.58 25.25
CA GLU A 55 6.37 19.77 25.50
C GLU A 55 5.78 20.34 24.22
N GLU A 56 6.57 20.36 23.13
CA GLU A 56 6.10 20.90 21.87
C GLU A 56 5.09 19.98 21.17
N SER A 57 5.10 18.69 21.47
CA SER A 57 4.21 17.74 20.83
C SER A 57 3.28 17.06 21.84
N LYS A 58 3.02 17.72 22.97
CA LYS A 58 2.17 17.14 24.00
C LYS A 58 0.73 16.99 23.51
N ASP A 59 0.26 17.90 22.66
CA ASP A 59 -1.08 17.83 22.09
C ASP A 59 -1.12 16.96 20.84
N TYR A 60 -0.06 16.22 20.54
CA TYR A 60 0.06 15.44 19.32
C TYR A 60 0.24 13.96 19.63
N LEU A 61 -0.06 13.14 18.62
CA LEU A 61 0.26 11.71 18.62
C LEU A 61 1.44 11.49 17.68
N SER A 62 2.51 10.89 18.20
CA SER A 62 3.72 10.63 17.42
C SER A 62 3.69 9.23 16.82
N LEU A 63 4.12 9.11 15.57
CA LEU A 63 4.12 7.85 14.84
C LEU A 63 5.48 7.62 14.22
N TYR A 64 6.02 6.42 14.38
CA TYR A 64 7.37 6.12 13.94
C TYR A 64 7.41 4.77 13.22
N LEU A 65 8.41 4.62 12.36
CA LEU A 65 8.67 3.37 11.66
C LEU A 65 10.00 2.81 12.18
N LEU A 66 9.94 1.66 12.84
CA LEU A 66 11.09 1.06 13.49
C LEU A 66 11.57 -0.15 12.71
N LEU A 67 12.89 -0.24 12.51
CA LEU A 67 13.49 -1.38 11.83
C LEU A 67 13.93 -2.39 12.90
N VAL A 68 13.26 -3.54 12.93
CA VAL A 68 13.55 -4.52 13.97
C VAL A 68 14.80 -5.32 13.64
N SER A 69 14.88 -5.88 12.44
CA SER A 69 16.02 -6.69 12.03
C SER A 69 16.31 -6.45 10.56
N CYS A 70 17.61 -6.50 10.21
CA CYS A 70 18.06 -6.32 8.84
C CYS A 70 19.34 -7.13 8.64
N PRO A 71 19.53 -7.73 7.46
CA PRO A 71 20.75 -8.51 7.22
C PRO A 71 21.96 -7.64 6.96
N LYS A 72 21.79 -6.59 6.16
CA LYS A 72 22.89 -5.69 5.85
C LYS A 72 23.14 -4.74 7.03
N SER A 73 24.13 -3.86 6.86
CA SER A 73 24.44 -2.90 7.92
C SER A 73 23.36 -1.83 8.02
N GLU A 74 22.92 -1.29 6.88
CA GLU A 74 21.92 -0.24 6.86
C GLU A 74 20.94 -0.50 5.74
N VAL A 75 19.77 0.12 5.85
CA VAL A 75 18.70 0.01 4.86
C VAL A 75 18.15 1.40 4.59
N ARG A 76 18.11 1.80 3.33
CA ARG A 76 17.55 3.08 2.92
C ARG A 76 16.13 2.86 2.44
N ALA A 77 15.17 3.56 3.06
CA ALA A 77 13.76 3.37 2.74
C ALA A 77 12.99 4.67 2.92
N LYS A 78 11.97 4.85 2.10
CA LYS A 78 11.03 5.96 2.20
C LYS A 78 9.71 5.44 2.77
N PHE A 79 9.11 6.23 3.66
CA PHE A 79 7.88 5.81 4.32
C PHE A 79 6.82 6.89 4.18
N LYS A 80 5.57 6.47 4.35
CA LYS A 80 4.42 7.36 4.29
C LYS A 80 3.39 6.87 5.30
N PHE A 81 3.01 7.75 6.23
CA PHE A 81 2.00 7.44 7.23
C PHE A 81 0.68 8.08 6.83
N SER A 82 -0.41 7.39 7.15
CA SER A 82 -1.75 7.91 6.85
C SER A 82 -2.74 7.27 7.81
N ILE A 83 -3.88 7.93 7.94
CA ILE A 83 -4.98 7.47 8.80
C ILE A 83 -6.13 7.03 7.91
N LEU A 84 -6.70 5.87 8.20
CA LEU A 84 -7.86 5.37 7.47
C LEU A 84 -9.13 5.75 8.22
N ASN A 85 -10.04 6.42 7.53
CA ASN A 85 -11.26 6.91 8.15
C ASN A 85 -12.31 5.79 8.12
N ALA A 86 -13.52 6.07 8.60
CA ALA A 86 -14.52 5.02 8.72
C ALA A 86 -14.89 4.37 7.39
N LYS A 87 -14.72 5.09 6.28
CA LYS A 87 -15.05 4.56 4.96
C LYS A 87 -13.83 4.00 4.23
N GLY A 88 -12.71 3.80 4.94
CA GLY A 88 -11.55 3.16 4.36
C GLY A 88 -10.63 4.07 3.57
N GLU A 89 -10.96 5.35 3.46
CA GLU A 89 -10.18 6.29 2.65
C GLU A 89 -9.02 6.87 3.46
N GLU A 90 -7.95 7.22 2.75
CA GLU A 90 -6.78 7.80 3.39
C GLU A 90 -7.01 9.26 3.72
N THR A 91 -6.54 9.68 4.89
CA THR A 91 -6.65 11.06 5.31
C THR A 91 -5.49 11.40 6.25
N LYS A 92 -5.16 12.69 6.32
CA LYS A 92 -4.09 13.21 7.17
C LYS A 92 -2.77 12.49 6.90
N ALA A 93 -2.39 12.44 5.63
CA ALA A 93 -1.16 11.77 5.23
C ALA A 93 0.07 12.64 5.48
N MET A 94 1.13 12.02 6.00
CA MET A 94 2.42 12.68 6.21
C MET A 94 3.53 11.81 5.66
N GLU A 95 4.46 12.43 4.93
CA GLU A 95 5.57 11.70 4.37
C GLU A 95 6.67 12.68 3.98
N ASP A 96 7.87 12.14 3.80
CA ASP A 96 9.02 12.91 3.36
C ASP A 96 9.54 12.33 2.06
N GLN A 97 9.74 13.18 1.07
CA GLN A 97 10.28 12.72 -0.21
C GLN A 97 11.67 12.15 -0.06
N ARG A 98 12.39 12.52 0.99
CA ARG A 98 13.75 12.04 1.19
C ARG A 98 13.71 10.63 1.79
N ALA A 99 14.69 9.82 1.40
CA ALA A 99 14.85 8.51 2.02
C ALA A 99 15.71 8.64 3.27
N TYR A 100 15.62 7.64 4.14
CA TYR A 100 16.30 7.67 5.42
C TYR A 100 17.05 6.36 5.64
N ARG A 101 18.20 6.46 6.31
CA ARG A 101 19.00 5.28 6.63
C ARG A 101 18.48 4.64 7.91
N PHE A 102 18.24 3.33 7.86
CA PHE A 102 17.73 2.58 8.99
C PHE A 102 18.77 1.56 9.42
N VAL A 103 18.97 1.44 10.73
CA VAL A 103 19.85 0.44 11.32
C VAL A 103 19.02 -0.35 12.32
N GLN A 104 19.49 -1.55 12.67
CA GLN A 104 18.82 -2.39 13.65
C GLN A 104 18.59 -1.48 14.86
N GLY A 105 17.36 -1.49 15.38
CA GLY A 105 16.97 -0.60 16.45
C GLY A 105 16.82 0.90 16.24
N LYS A 106 16.86 1.36 14.99
CA LYS A 106 16.73 2.78 14.70
C LYS A 106 15.34 2.95 14.11
N ASP A 107 14.76 4.13 14.33
CA ASP A 107 13.41 4.43 13.86
C ASP A 107 13.37 5.84 13.32
N TRP A 108 12.39 6.10 12.45
CA TRP A 108 12.16 7.41 11.88
C TRP A 108 10.66 7.66 11.83
N GLY A 109 10.27 8.91 12.07
CA GLY A 109 8.84 9.22 12.11
C GLY A 109 8.59 10.69 12.34
N PHE A 110 7.37 10.99 12.80
CA PHE A 110 6.90 12.35 13.00
C PHE A 110 6.48 12.53 14.45
N LYS A 111 7.15 13.41 15.18
CA LYS A 111 6.74 13.72 16.54
C LYS A 111 5.34 14.33 16.57
N LYS A 112 5.04 15.21 15.63
CA LYS A 112 3.74 15.88 15.53
C LYS A 112 3.16 15.26 14.26
N PHE A 113 2.36 14.20 14.44
CA PHE A 113 1.80 13.49 13.30
C PHE A 113 0.33 13.89 13.19
N ILE A 114 -0.40 13.89 14.31
CA ILE A 114 -1.80 14.29 14.30
C ILE A 114 -2.14 14.86 15.66
N ARG A 115 -2.99 15.89 15.65
CA ARG A 115 -3.45 16.48 16.90
C ARG A 115 -4.42 15.53 17.60
N ARG A 116 -4.19 15.30 18.89
CA ARG A 116 -5.13 14.49 19.66
C ARG A 116 -6.54 15.08 19.62
N ASP A 117 -6.64 16.41 19.72
CA ASP A 117 -7.96 17.04 19.64
C ASP A 117 -8.66 16.68 18.34
N PHE A 118 -7.94 16.79 17.21
CA PHE A 118 -8.52 16.43 15.93
C PHE A 118 -8.84 14.95 15.85
N LEU A 119 -8.03 14.14 16.52
CA LEU A 119 -8.21 12.70 16.46
C LEU A 119 -9.50 12.29 17.16
N LEU A 120 -9.73 12.84 18.35
CA LEU A 120 -10.88 12.49 19.17
C LEU A 120 -12.16 13.18 18.72
N ASP A 121 -12.08 14.14 17.79
CA ASP A 121 -13.29 14.82 17.33
C ASP A 121 -14.14 13.85 16.50
N GLU A 122 -15.36 13.59 16.98
CA GLU A 122 -16.27 12.69 16.28
C GLU A 122 -16.59 13.17 14.88
N ALA A 123 -16.43 14.46 14.59
CA ALA A 123 -16.79 14.96 13.27
C ALA A 123 -15.86 14.42 12.19
N ASN A 124 -14.60 14.17 12.54
CA ASN A 124 -13.64 13.66 11.56
C ASN A 124 -13.85 12.18 11.25
N GLY A 125 -14.64 11.47 12.06
CA GLY A 125 -14.91 10.07 11.79
C GLY A 125 -13.66 9.20 11.73
N LEU A 126 -12.70 9.47 12.61
CA LEU A 126 -11.43 8.76 12.62
C LEU A 126 -11.40 7.58 13.59
N LEU A 127 -12.36 7.48 14.50
CA LEU A 127 -12.35 6.43 15.52
C LEU A 127 -13.67 5.67 15.53
N PRO A 128 -13.99 4.96 14.45
CA PRO A 128 -15.17 4.10 14.48
C PRO A 128 -14.93 2.91 15.40
N ASP A 129 -15.95 2.59 16.20
CA ASP A 129 -15.87 1.51 17.18
C ASP A 129 -14.66 1.66 18.10
N ASP A 130 -14.27 2.92 18.36
CA ASP A 130 -13.10 3.25 19.18
C ASP A 130 -11.86 2.52 18.68
N LYS A 131 -11.65 2.55 17.38
CA LYS A 131 -10.50 1.90 16.76
C LYS A 131 -9.78 2.92 15.88
N LEU A 132 -8.49 3.10 16.13
CA LEU A 132 -7.65 3.93 15.29
C LEU A 132 -6.94 3.03 14.28
N THR A 133 -7.12 3.31 12.99
CA THR A 133 -6.55 2.50 11.91
C THR A 133 -5.48 3.30 11.19
N LEU A 134 -4.22 2.98 11.47
CA LEU A 134 -3.08 3.62 10.83
C LEU A 134 -2.63 2.80 9.62
N PHE A 135 -2.12 3.51 8.61
CA PHE A 135 -1.68 2.88 7.38
C PHE A 135 -0.26 3.36 7.07
N CYS A 136 0.62 2.42 6.76
CA CYS A 136 2.02 2.74 6.49
C CYS A 136 2.46 2.09 5.19
N GLU A 137 3.17 2.85 4.35
CA GLU A 137 3.72 2.36 3.10
C GLU A 137 5.22 2.62 3.06
N VAL A 138 6.00 1.57 2.86
CA VAL A 138 7.45 1.65 2.89
C VAL A 138 8.00 1.29 1.52
N SER A 139 9.02 2.03 1.08
CA SER A 139 9.69 1.81 -0.19
C SER A 139 11.19 1.63 0.08
N VAL A 140 11.64 0.38 0.16
CA VAL A 140 13.02 0.07 0.48
C VAL A 140 13.89 0.29 -0.76
N VAL A 141 15.04 0.94 -0.57
CA VAL A 141 15.99 1.11 -1.67
C VAL A 141 17.31 0.43 -1.33
N THR B 3 13.27 16.87 2.37
CA THR B 3 12.04 17.22 3.07
C THR B 3 12.36 17.50 4.53
N PRO B 4 11.90 18.64 5.05
CA PRO B 4 12.37 19.07 6.38
C PRO B 4 11.77 18.28 7.55
N THR B 5 10.47 17.99 7.54
CA THR B 5 9.76 17.53 8.73
C THR B 5 9.95 16.03 8.94
N ALA B 6 10.87 15.67 9.83
CA ALA B 6 11.07 14.29 10.26
C ALA B 6 12.02 14.30 11.45
N SER B 7 12.00 13.21 12.21
CA SER B 7 12.80 13.10 13.43
C SER B 7 12.90 11.64 13.82
N SER B 8 13.63 11.38 14.90
CA SER B 8 13.84 10.03 15.40
C SER B 8 13.67 10.02 16.91
N SER B 9 13.92 8.87 17.52
CA SER B 9 13.84 8.73 18.98
C SER B 9 15.22 8.80 19.61
N VAL C 6 -12.66 -2.88 8.36
CA VAL C 6 -12.08 -2.56 7.05
C VAL C 6 -10.56 -2.80 7.03
N VAL C 7 -10.09 -3.60 6.08
CA VAL C 7 -8.68 -3.98 5.99
C VAL C 7 -8.13 -3.59 4.62
N LYS C 8 -6.95 -2.96 4.62
CA LYS C 8 -6.28 -2.49 3.42
C LYS C 8 -4.90 -3.13 3.29
N PHE C 9 -4.54 -3.53 2.07
CA PHE C 9 -3.27 -4.19 1.81
C PHE C 9 -2.78 -3.79 0.43
N SER C 10 -1.57 -4.26 0.09
CA SER C 10 -0.96 -3.93 -1.18
C SER C 10 -0.20 -5.14 -1.72
N TYR C 11 0.18 -5.07 -3.00
CA TYR C 11 0.97 -6.12 -3.61
C TYR C 11 1.77 -5.54 -4.77
N MET C 12 3.08 -5.72 -4.74
CA MET C 12 3.96 -5.31 -5.82
C MET C 12 4.23 -6.50 -6.75
N TRP C 13 4.04 -6.29 -8.04
CA TRP C 13 4.25 -7.31 -9.06
C TRP C 13 5.30 -6.82 -10.04
N THR C 14 6.39 -7.59 -10.17
CA THR C 14 7.49 -7.26 -11.07
C THR C 14 7.53 -8.28 -12.20
N ILE C 15 7.39 -7.78 -13.43
CA ILE C 15 7.42 -8.62 -14.66
C ILE C 15 8.75 -8.32 -15.36
N ASN C 16 9.80 -9.05 -14.97
CA ASN C 16 11.16 -8.84 -15.54
C ASN C 16 11.20 -9.25 -17.02
N ASN C 17 12.09 -8.59 -17.77
CA ASN C 17 12.36 -8.82 -19.22
C ASN C 17 11.18 -8.40 -20.11
N PHE C 18 10.41 -7.37 -19.72
CA PHE C 18 9.36 -6.89 -20.63
C PHE C 18 9.82 -6.61 -22.05
N SER C 19 10.93 -5.96 -22.27
CA SER C 19 11.23 -5.57 -23.65
C SER C 19 11.61 -6.75 -24.52
N PHE C 20 11.80 -7.93 -23.94
CA PHE C 20 11.89 -9.18 -24.68
C PHE C 20 10.42 -9.56 -24.71
N CYS C 21 9.72 -9.13 -25.77
CA CYS C 21 8.27 -9.09 -25.80
C CYS C 21 7.72 -9.74 -27.07
N ARG C 22 8.59 -10.24 -27.94
CA ARG C 22 8.10 -10.97 -29.10
C ARG C 22 7.41 -12.27 -28.72
N GLU C 23 7.61 -12.75 -27.49
CA GLU C 23 7.02 -14.02 -27.06
C GLU C 23 6.00 -13.83 -25.94
N GLU C 24 5.34 -12.67 -25.91
CA GLU C 24 4.27 -12.42 -24.95
C GLU C 24 3.14 -13.44 -24.97
N MET C 25 2.49 -13.61 -23.81
CA MET C 25 1.42 -14.59 -23.73
C MET C 25 0.30 -14.49 -24.74
N GLY C 26 0.00 -13.28 -25.21
CA GLY C 26 -1.05 -13.07 -26.19
C GLY C 26 -2.40 -13.26 -25.54
N GLU C 27 -2.36 -13.42 -24.23
CA GLU C 27 -3.50 -13.75 -23.41
C GLU C 27 -3.15 -13.31 -22.01
N VAL C 28 -4.03 -13.59 -21.06
CA VAL C 28 -3.82 -13.13 -19.71
C VAL C 28 -2.56 -13.70 -19.08
N ILE C 29 -1.82 -12.86 -18.38
CA ILE C 29 -0.68 -13.26 -17.54
C ILE C 29 -1.11 -13.08 -16.09
N LYS C 30 -1.09 -14.18 -15.32
CA LYS C 30 -1.57 -14.14 -13.91
C LYS C 30 -0.38 -14.00 -12.94
N SER C 31 -0.57 -13.17 -11.91
CA SER C 31 0.42 -12.96 -10.86
C SER C 31 0.24 -14.02 -9.77
N SER C 32 1.14 -14.01 -8.79
CA SER C 32 0.96 -14.87 -7.65
C SER C 32 -0.20 -14.38 -6.81
N THR C 33 -0.74 -15.28 -5.98
CA THR C 33 -1.85 -14.95 -5.11
C THR C 33 -1.34 -14.26 -3.85
N PHE C 34 -2.02 -13.20 -3.43
CA PHE C 34 -1.67 -12.47 -2.22
C PHE C 34 -2.91 -12.29 -1.36
N SER C 35 -2.75 -12.41 -0.05
CA SER C 35 -3.86 -12.42 0.87
C SER C 35 -4.02 -11.05 1.53
N SER C 36 -5.02 -10.95 2.41
CA SER C 36 -5.26 -9.71 3.14
C SER C 36 -4.24 -9.48 4.24
N GLY C 37 -3.53 -10.52 4.68
CA GLY C 37 -2.53 -10.39 5.71
C GLY C 37 -3.06 -10.30 7.13
N ALA C 38 -4.36 -10.09 7.30
CA ALA C 38 -4.96 -9.96 8.62
C ALA C 38 -5.69 -11.20 9.08
N ASN C 39 -6.47 -11.83 8.18
CA ASN C 39 -7.24 -13.02 8.53
C ASN C 39 -6.99 -14.21 7.62
N ASP C 40 -6.22 -14.03 6.53
CA ASP C 40 -5.98 -15.10 5.55
C ASP C 40 -7.28 -15.66 5.01
N LYS C 41 -8.27 -14.79 4.83
CA LYS C 41 -9.61 -15.19 4.41
C LYS C 41 -9.83 -15.05 2.91
N LEU C 42 -9.20 -14.08 2.26
CA LEU C 42 -9.36 -13.83 0.84
C LEU C 42 -8.04 -14.02 0.12
N LYS C 43 -8.13 -14.42 -1.15
CA LYS C 43 -6.95 -14.56 -2.00
C LYS C 43 -7.20 -13.85 -3.32
N TRP C 44 -6.32 -12.93 -3.67
CA TRP C 44 -6.43 -12.11 -4.86
C TRP C 44 -5.23 -12.35 -5.76
N CYS C 45 -5.36 -11.96 -7.01
CA CYS C 45 -4.22 -11.92 -7.91
C CYS C 45 -4.48 -10.88 -8.99
N LEU C 46 -3.40 -10.51 -9.69
CA LEU C 46 -3.45 -9.53 -10.75
C LEU C 46 -3.40 -10.24 -12.11
N ARG C 47 -4.27 -9.83 -13.02
CA ARG C 47 -4.33 -10.36 -14.37
C ARG C 47 -4.02 -9.23 -15.34
N VAL C 48 -3.06 -9.47 -16.22
CA VAL C 48 -2.68 -8.45 -17.21
C VAL C 48 -2.73 -9.08 -18.59
N ASN C 49 -3.49 -8.48 -19.48
CA ASN C 49 -3.59 -8.85 -20.90
C ASN C 49 -2.62 -7.91 -21.57
N PRO C 50 -1.46 -8.36 -22.05
CA PRO C 50 -0.50 -7.44 -22.59
C PRO C 50 -0.78 -7.10 -24.05
N LYS C 51 -1.53 -7.95 -24.73
CA LYS C 51 -1.80 -7.68 -26.15
C LYS C 51 -3.24 -7.24 -26.27
N GLY C 52 -3.99 -7.38 -25.19
CA GLY C 52 -5.38 -6.98 -25.16
C GLY C 52 -6.29 -8.12 -25.57
N LEU C 53 -7.59 -7.82 -25.56
CA LEU C 53 -8.59 -8.83 -25.90
C LEU C 53 -9.65 -8.45 -26.93
N ASP C 54 -9.74 -7.20 -27.35
CA ASP C 54 -10.75 -6.78 -28.33
C ASP C 54 -10.30 -5.46 -28.95
N GLU C 55 -11.09 -4.98 -29.92
CA GLU C 55 -10.87 -3.66 -30.47
C GLU C 55 -11.03 -2.60 -29.39
N GLU C 56 -10.35 -1.46 -29.59
CA GLU C 56 -10.28 -0.37 -28.61
C GLU C 56 -9.68 -0.86 -27.30
N SER C 57 -9.12 -2.08 -27.31
CA SER C 57 -8.31 -2.58 -26.21
C SER C 57 -7.01 -3.10 -26.77
N LYS C 58 -6.87 -3.18 -28.10
CA LYS C 58 -5.60 -3.47 -28.70
C LYS C 58 -4.65 -2.29 -28.62
N ASP C 59 -3.35 -2.58 -28.75
CA ASP C 59 -2.25 -1.63 -28.55
C ASP C 59 -2.34 -0.95 -27.19
N TYR C 60 -3.01 -1.61 -26.24
CA TYR C 60 -3.15 -1.15 -24.87
C TYR C 60 -2.85 -2.30 -23.92
N LEU C 61 -2.31 -1.96 -22.75
CA LEU C 61 -2.05 -2.92 -21.70
C LEU C 61 -3.23 -2.96 -20.76
N SER C 62 -3.89 -4.11 -20.66
CA SER C 62 -5.06 -4.28 -19.80
C SER C 62 -4.63 -4.86 -18.46
N LEU C 63 -5.10 -4.26 -17.38
CA LEU C 63 -4.72 -4.68 -16.02
C LEU C 63 -5.97 -4.89 -15.19
N TYR C 64 -6.04 -6.04 -14.53
CA TYR C 64 -7.22 -6.44 -13.78
C TYR C 64 -6.81 -6.88 -12.37
N LEU C 65 -7.80 -6.85 -11.47
CA LEU C 65 -7.64 -7.37 -10.12
C LEU C 65 -8.63 -8.51 -9.96
N LEU C 66 -8.13 -9.72 -9.75
CA LEU C 66 -8.94 -10.92 -9.77
C LEU C 66 -9.03 -11.50 -8.36
N LEU C 67 -10.25 -11.80 -7.93
CA LEU C 67 -10.49 -12.47 -6.67
C LEU C 67 -10.47 -13.98 -6.89
N VAL C 68 -9.49 -14.65 -6.29
CA VAL C 68 -9.32 -16.09 -6.51
C VAL C 68 -10.32 -16.89 -5.68
N SER C 69 -10.40 -16.62 -4.38
CA SER C 69 -11.28 -17.39 -3.52
C SER C 69 -11.77 -16.50 -2.38
N CYS C 70 -13.01 -16.77 -1.94
CA CYS C 70 -13.64 -16.01 -0.89
C CYS C 70 -14.63 -16.91 -0.15
N PRO C 71 -14.70 -16.81 1.18
CA PRO C 71 -15.63 -17.67 1.93
C PRO C 71 -17.07 -17.22 1.82
N LYS C 72 -17.32 -15.92 1.98
CA LYS C 72 -18.67 -15.39 1.88
C LYS C 72 -19.07 -15.25 0.42
N SER C 73 -20.34 -14.93 0.19
CA SER C 73 -20.86 -14.82 -1.16
C SER C 73 -20.44 -13.59 -1.95
N GLU C 74 -20.23 -12.45 -1.28
CA GLU C 74 -19.90 -11.20 -1.96
C GLU C 74 -18.83 -10.47 -1.18
N VAL C 75 -17.91 -9.83 -1.92
CA VAL C 75 -16.84 -9.04 -1.34
C VAL C 75 -16.84 -7.67 -2.03
N ARG C 76 -16.83 -6.61 -1.24
CA ARG C 76 -16.85 -5.23 -1.76
C ARG C 76 -15.51 -4.58 -1.44
N ALA C 77 -14.80 -4.14 -2.47
CA ALA C 77 -13.45 -3.62 -2.31
C ALA C 77 -13.19 -2.48 -3.29
N LYS C 78 -12.22 -1.64 -2.94
CA LYS C 78 -11.72 -0.59 -3.81
C LYS C 78 -10.25 -0.84 -4.11
N PHE C 79 -9.82 -0.54 -5.33
CA PHE C 79 -8.47 -0.86 -5.77
C PHE C 79 -7.88 0.33 -6.52
N LYS C 80 -6.54 0.32 -6.61
CA LYS C 80 -5.79 1.35 -7.31
C LYS C 80 -4.55 0.73 -7.92
N PHE C 81 -4.31 1.02 -9.19
CA PHE C 81 -3.16 0.51 -9.93
C PHE C 81 -2.18 1.66 -10.21
N SER C 82 -0.90 1.33 -10.21
CA SER C 82 0.15 2.31 -10.51
C SER C 82 1.39 1.56 -10.97
N ILE C 83 2.30 2.30 -11.59
CA ILE C 83 3.56 1.74 -12.09
C ILE C 83 4.70 2.40 -11.33
N LEU C 84 5.67 1.59 -10.92
CA LEU C 84 6.84 2.08 -10.20
C LEU C 84 7.98 2.33 -11.18
N ASN C 85 8.49 3.56 -11.20
CA ASN C 85 9.60 3.92 -12.06
C ASN C 85 10.91 3.66 -11.31
N ALA C 86 12.04 4.04 -11.91
CA ALA C 86 13.33 3.76 -11.30
C ALA C 86 13.48 4.37 -9.90
N LYS C 87 12.89 5.54 -9.67
CA LYS C 87 12.94 6.20 -8.38
C LYS C 87 11.89 5.67 -7.41
N GLY C 88 11.16 4.62 -7.77
CA GLY C 88 10.17 4.04 -6.89
C GLY C 88 8.89 4.84 -6.70
N GLU C 89 8.69 5.89 -7.50
CA GLU C 89 7.49 6.71 -7.40
C GLU C 89 6.37 6.12 -8.23
N GLU C 90 5.14 6.46 -7.84
CA GLU C 90 3.96 5.99 -8.56
C GLU C 90 3.70 6.86 -9.78
N THR C 91 3.52 6.23 -10.94
CA THR C 91 3.30 6.93 -12.20
C THR C 91 2.18 6.25 -12.97
N LYS C 92 1.47 7.06 -13.78
CA LYS C 92 0.38 6.57 -14.62
C LYS C 92 -0.69 5.85 -13.79
N ALA C 93 -0.96 6.40 -12.61
CA ALA C 93 -1.89 5.76 -11.69
C ALA C 93 -3.32 5.88 -12.18
N MET C 94 -4.09 4.80 -11.98
CA MET C 94 -5.51 4.76 -12.29
C MET C 94 -6.25 4.14 -11.11
N GLU C 95 -7.35 4.77 -10.69
CA GLU C 95 -8.07 4.36 -9.51
C GLU C 95 -9.50 4.84 -9.61
N ASP C 96 -10.44 4.03 -9.11
CA ASP C 96 -11.84 4.40 -9.00
C ASP C 96 -12.23 4.47 -7.53
N GLN C 97 -12.81 5.59 -7.12
CA GLN C 97 -13.19 5.75 -5.72
C GLN C 97 -14.38 4.86 -5.35
N ARG C 98 -15.16 4.40 -6.32
CA ARG C 98 -16.30 3.56 -6.05
C ARG C 98 -15.88 2.11 -5.86
N ALA C 99 -16.51 1.43 -4.92
CA ALA C 99 -16.25 0.02 -4.70
C ALA C 99 -16.99 -0.82 -5.72
N TYR C 100 -16.55 -2.07 -5.85
CA TYR C 100 -17.13 -3.00 -6.81
C TYR C 100 -17.35 -4.35 -6.14
N ARG C 101 -18.40 -5.04 -6.57
CA ARG C 101 -18.72 -6.34 -6.01
C ARG C 101 -17.86 -7.41 -6.66
N PHE C 102 -17.18 -8.19 -5.83
CA PHE C 102 -16.30 -9.27 -6.29
C PHE C 102 -16.89 -10.61 -5.87
N VAL C 103 -16.86 -11.57 -6.78
CA VAL C 103 -17.22 -12.95 -6.50
C VAL C 103 -16.03 -13.82 -6.89
N GLN C 104 -16.03 -15.07 -6.41
CA GLN C 104 -14.98 -16.02 -6.75
C GLN C 104 -14.90 -16.03 -8.26
N GLY C 105 -13.70 -15.83 -8.81
CA GLY C 105 -13.49 -15.77 -10.23
C GLY C 105 -13.76 -14.46 -10.96
N LYS C 106 -14.34 -13.48 -10.27
CA LYS C 106 -14.64 -12.19 -10.88
C LYS C 106 -13.43 -11.27 -10.78
N ASP C 107 -13.33 -10.35 -11.74
CA ASP C 107 -12.23 -9.39 -11.76
C ASP C 107 -12.77 -8.02 -12.12
N TRP C 108 -11.97 -6.99 -11.85
CA TRP C 108 -12.32 -5.62 -12.19
C TRP C 108 -11.05 -4.87 -12.53
N GLY C 109 -11.15 -3.95 -13.49
CA GLY C 109 -9.98 -3.20 -13.91
C GLY C 109 -10.30 -2.33 -15.12
N PHE C 110 -9.25 -2.00 -15.87
CA PHE C 110 -9.36 -1.12 -17.02
C PHE C 110 -8.77 -1.80 -18.25
N LYS C 111 -9.56 -1.85 -19.32
CA LYS C 111 -9.04 -2.41 -20.58
C LYS C 111 -7.95 -1.52 -21.16
N LYS C 112 -8.02 -0.22 -20.94
CA LYS C 112 -7.02 0.74 -21.41
C LYS C 112 -6.38 1.29 -20.14
N PHE C 113 -5.28 0.66 -19.71
CA PHE C 113 -4.57 1.09 -18.51
C PHE C 113 -3.38 1.96 -18.91
N ILE C 114 -2.59 1.53 -19.90
CA ILE C 114 -1.48 2.31 -20.41
C ILE C 114 -1.23 1.90 -21.86
N ARG C 115 -0.79 2.87 -22.66
CA ARG C 115 -0.51 2.61 -24.07
C ARG C 115 0.80 1.82 -24.21
N ARG C 116 0.76 0.77 -25.03
CA ARG C 116 1.95 -0.06 -25.19
C ARG C 116 3.08 0.69 -25.87
N ASP C 117 2.76 1.61 -26.78
CA ASP C 117 3.81 2.40 -27.43
C ASP C 117 4.51 3.29 -26.42
N PHE C 118 3.74 3.97 -25.55
CA PHE C 118 4.35 4.79 -24.51
C PHE C 118 5.03 3.92 -23.45
N LEU C 119 4.56 2.70 -23.25
CA LEU C 119 5.18 1.81 -22.28
C LEU C 119 6.57 1.36 -22.75
N LEU C 120 6.63 0.74 -23.93
CA LEU C 120 7.89 0.21 -24.44
C LEU C 120 8.91 1.30 -24.79
N ASP C 121 8.49 2.55 -24.87
CA ASP C 121 9.43 3.64 -25.12
C ASP C 121 10.40 3.78 -23.95
N GLU C 122 11.68 3.90 -24.29
CA GLU C 122 12.70 4.07 -23.25
C GLU C 122 12.84 5.50 -22.77
N ALA C 123 12.13 6.45 -23.40
CA ALA C 123 12.26 7.86 -23.02
C ALA C 123 11.63 8.11 -21.65
N ASN C 124 10.37 7.72 -21.49
CA ASN C 124 9.71 7.84 -20.19
C ASN C 124 10.34 6.91 -19.17
N GLY C 125 10.45 7.39 -17.94
CA GLY C 125 11.23 6.73 -16.91
C GLY C 125 10.68 5.43 -16.36
N LEU C 126 9.55 4.96 -16.88
CA LEU C 126 9.00 3.70 -16.41
C LEU C 126 9.71 2.53 -17.08
N LEU C 127 9.35 1.33 -16.60
CA LEU C 127 9.93 0.03 -17.04
C LEU C 127 11.45 0.09 -16.92
N PRO C 128 11.99 0.35 -15.71
CA PRO C 128 13.44 0.43 -15.50
C PRO C 128 14.10 -0.96 -15.50
N ASP C 129 15.37 -1.01 -15.93
CA ASP C 129 16.15 -2.25 -16.00
C ASP C 129 15.35 -3.37 -16.67
N ASP C 130 14.55 -2.99 -17.67
CA ASP C 130 13.72 -3.94 -18.42
C ASP C 130 12.81 -4.73 -17.47
N LYS C 131 12.20 -4.03 -16.52
CA LYS C 131 11.32 -4.65 -15.55
C LYS C 131 10.10 -3.77 -15.38
N LEU C 132 8.93 -4.31 -15.69
CA LEU C 132 7.66 -3.64 -15.44
C LEU C 132 7.23 -3.96 -14.02
N THR C 133 7.21 -2.96 -13.16
CA THR C 133 6.82 -3.11 -11.77
C THR C 133 5.45 -2.47 -11.55
N LEU C 134 4.43 -3.31 -11.35
CA LEU C 134 3.07 -2.86 -11.08
C LEU C 134 2.83 -2.85 -9.57
N PHE C 135 1.99 -1.91 -9.13
CA PHE C 135 1.66 -1.76 -7.72
C PHE C 135 0.15 -1.68 -7.58
N CYS C 136 -0.42 -2.60 -6.79
CA CYS C 136 -1.84 -2.63 -6.54
C CYS C 136 -2.11 -2.49 -5.05
N GLU C 137 -3.07 -1.65 -4.69
CA GLU C 137 -3.50 -1.50 -3.32
C GLU C 137 -5.01 -1.72 -3.27
N VAL C 138 -5.46 -2.58 -2.36
CA VAL C 138 -6.86 -2.95 -2.23
C VAL C 138 -7.33 -2.58 -0.83
N SER C 139 -8.54 -2.03 -0.75
CA SER C 139 -9.19 -1.72 0.52
C SER C 139 -10.58 -2.32 0.48
N VAL C 140 -10.74 -3.47 1.14
CA VAL C 140 -12.02 -4.18 1.20
C VAL C 140 -12.79 -3.73 2.43
N VAL C 141 -14.08 -3.47 2.27
CA VAL C 141 -14.94 -3.03 3.36
C VAL C 141 -16.01 -4.08 3.70
N PRO D 4 -16.26 6.19 -13.35
CA PRO D 4 -16.87 4.92 -13.75
C PRO D 4 -16.18 4.31 -14.98
N THR D 5 -14.86 4.14 -14.90
CA THR D 5 -14.07 3.64 -16.01
C THR D 5 -13.66 2.17 -15.84
N ALA D 6 -14.13 1.51 -14.79
CA ALA D 6 -13.78 0.12 -14.56
C ALA D 6 -14.70 -0.81 -15.36
N SER D 7 -14.19 -2.02 -15.62
CA SER D 7 -14.94 -3.03 -16.34
C SER D 7 -14.47 -4.40 -15.87
N SER D 8 -15.06 -5.46 -16.44
CA SER D 8 -14.71 -6.82 -16.10
C SER D 8 -14.59 -7.64 -17.37
N SER D 9 -14.06 -8.86 -17.23
CA SER D 9 -13.94 -9.81 -18.33
C SER D 9 -15.05 -10.85 -18.32
N SER D 10 -16.13 -10.60 -17.60
CA SER D 10 -17.26 -11.54 -17.54
C SER D 10 -18.51 -10.93 -18.17
#